data_4DW5
#
_entry.id   4DW5
#
_cell.length_a   105.340
_cell.length_b   105.340
_cell.length_c   211.260
_cell.angle_alpha   90.00
_cell.angle_beta   90.00
_cell.angle_gamma   120.00
#
_symmetry.space_group_name_H-M   'P 65 2 2'
#
loop_
_entity.id
_entity.type
_entity.pdbx_description
1 polymer 'E(rns) glycoprotein'
2 branched beta-D-mannopyranose-(1-6)-beta-D-mannopyranose-(1-3)-[beta-D-mannopyranose-(1-6)]beta-D-mannopyranose-(1-4)-2-acetamido-2-deoxy-beta-D-glucopyranose-(1-4)-2-acetamido-2-deoxy-beta-D-glucopyranose
3 branched 2-acetamido-2-deoxy-beta-D-glucopyranose-(1-4)-2-acetamido-2-deoxy-beta-D-glucopyranose
4 branched beta-D-mannopyranose-(1-6)-beta-D-mannopyranose-(1-3)-[beta-D-mannopyranose-(1-3)-alpha-D-mannopyranose-(1-6)]beta-D-mannopyranose-(1-4)-2-acetamido-2-deoxy-beta-D-glucopyranose-(1-4)-2-acetamido-2-deoxy-beta-D-glucopyranose
5 non-polymer 2-acetamido-2-deoxy-beta-D-glucopyranose
6 non-polymer 'SULFATE ION'
7 non-polymer 'O-[(2R,3S,4R,5R)-5-(4-amino-2-oxopyrimidin-1(2H)-yl)-4-hydroxy-2-(hydroxymethyl)tetrahydrofuran-3-yl] O-{[(2R,3S,4R,5R)-5-(2,4-dioxo-3,4-dihydropyrimidin-1(2H)-yl)-3,4-dihydroxytetrahydrofuran-2-yl]methyl} hydrogen (R)-phosphorothioate'
8 non-polymer 'O-[(2R,3S,4R,5R)-5-(4-amino-2-oxopyrimidin-1(2H)-yl)-4-hydroxy-2-(hydroxymethyl)tetrahydrofuran-3-yl] O-{[(2R,3S,4R,5R)-5-(2,4-dioxo-3,4-dihydropyrimidin-1(2H)-yl)-3,4-dihydroxytetrahydrofuran-2-yl]methyl} hydrogen (S)-phosphorothioate'
9 non-polymer 'PENTAETHYLENE GLYCOL'
10 non-polymer "URIDINE-5'-MONOPHOSPHATE"
11 water water
#
_entity_poly.entity_id   1
_entity_poly.type   'polypeptide(L)'
_entity_poly.pdbx_seq_one_letter_code
;RSENITQWNLQDNGTEGIQRAMFQRGVNRSLHGIWPEKICTGVPSHLATDTELKAIHGMMDASEKTNYTCCRLQRHEWNK
HGWCNWYNIEPWILLMNKTQANLTEGQPLRECAVTCRYDRDSDLNVVTQARDSPTPLTGCKKGKNFSFAGILVQGPCNFE
IAVSDVL
;
_entity_poly.pdbx_strand_id   A,B
#
loop_
_chem_comp.id
_chem_comp.type
_chem_comp.name
_chem_comp.formula
1PE non-polymer 'PENTAETHYLENE GLYCOL' 'C10 H22 O6'
BMA D-saccharide, beta linking beta-D-mannopyranose 'C6 H12 O6'
CSQ non-polymer 'O-[(2R,3S,4R,5R)-5-(4-amino-2-oxopyrimidin-1(2H)-yl)-4-hydroxy-2-(hydroxymethyl)tetrahydrofuran-3-yl] O-{[(2R,3S,4R,5R)-5-(2,4-dioxo-3,4-dihydropyrimidin-1(2H)-yl)-3,4-dihydroxytetrahydrofuran-2-yl]methyl} hydrogen (R)-phosphorothioate' 'C18 H24 N5 O12 P S'
CSV non-polymer 'O-[(2R,3S,4R,5R)-5-(4-amino-2-oxopyrimidin-1(2H)-yl)-4-hydroxy-2-(hydroxymethyl)tetrahydrofuran-3-yl] O-{[(2R,3S,4R,5R)-5-(2,4-dioxo-3,4-dihydropyrimidin-1(2H)-yl)-3,4-dihydroxytetrahydrofuran-2-yl]methyl} hydrogen (S)-phosphorothioate' 'C18 H24 N5 O12 P S'
MAN D-saccharide, alpha linking alpha-D-mannopyranose 'C6 H12 O6'
NAG D-saccharide, beta linking 2-acetamido-2-deoxy-beta-D-glucopyranose 'C8 H15 N O6'
SO4 non-polymer 'SULFATE ION' 'O4 S -2'
U5P non-polymer URIDINE-5'-MONOPHOSPHATE 'C9 H13 N2 O9 P'
#
# COMPACT_ATOMS: atom_id res chain seq x y z
N GLU A 3 17.62 4.25 0.47
CA GLU A 3 17.54 3.29 -0.63
C GLU A 3 16.84 1.97 -0.24
N ASN A 4 17.32 1.24 0.82
CA ASN A 4 16.68 -0.01 1.24
C ASN A 4 15.46 0.31 2.10
N ILE A 5 14.41 -0.45 1.89
CA ILE A 5 13.22 -0.29 2.68
C ILE A 5 13.43 -1.19 3.90
N THR A 6 13.21 -0.64 5.10
CA THR A 6 13.19 -1.45 6.31
C THR A 6 11.72 -1.49 6.73
N GLN A 7 11.14 -2.67 6.85
CA GLN A 7 9.73 -2.85 7.18
C GLN A 7 9.58 -3.77 8.37
N TRP A 8 8.60 -3.53 9.22
CA TRP A 8 8.35 -4.33 10.40
C TRP A 8 6.92 -4.51 10.67
N ASN A 9 6.60 -5.53 11.46
CA ASN A 9 5.27 -5.86 11.93
C ASN A 9 5.05 -5.12 13.23
N LEU A 10 3.79 -4.83 13.53
CA LEU A 10 3.38 -4.16 14.75
C LEU A 10 2.26 -4.97 15.32
N GLN A 11 2.18 -5.03 16.63
CA GLN A 11 1.15 -5.79 17.34
C GLN A 11 -0.28 -5.31 17.07
N ASP A 12 -1.20 -6.26 17.00
CA ASP A 12 -2.61 -6.03 16.78
C ASP A 12 -3.35 -7.33 17.06
N ASN A 13 -4.11 -7.37 18.18
CA ASN A 13 -4.95 -8.50 18.57
C ASN A 13 -6.00 -8.80 17.53
N GLY A 14 -6.41 -7.82 16.75
CA GLY A 14 -7.40 -8.02 15.71
C GLY A 14 -6.87 -8.65 14.44
N THR A 15 -5.53 -8.86 14.34
CA THR A 15 -4.94 -9.45 13.16
C THR A 15 -4.39 -10.83 13.46
N GLU A 16 -5.00 -11.84 12.84
CA GLU A 16 -4.60 -13.23 12.94
C GLU A 16 -3.16 -13.37 12.39
N GLY A 17 -2.34 -14.09 13.12
CA GLY A 17 -0.96 -14.30 12.73
C GLY A 17 0.03 -13.68 13.70
N ILE A 18 1.19 -13.28 13.18
CA ILE A 18 2.27 -12.65 13.94
C ILE A 18 1.79 -11.46 14.77
N GLN A 19 0.90 -10.63 14.21
CA GLN A 19 0.38 -9.43 14.93
C GLN A 19 -0.35 -9.77 16.21
N ARG A 20 -1.10 -10.88 16.23
CA ARG A 20 -1.80 -11.35 17.44
C ARG A 20 -0.81 -11.97 18.42
N ALA A 21 0.13 -12.78 17.92
CA ALA A 21 1.18 -13.41 18.72
C ALA A 21 2.02 -12.34 19.42
N MET A 22 2.32 -11.25 18.70
CA MET A 22 3.10 -10.14 19.25
C MET A 22 2.32 -9.48 20.41
N PHE A 23 1.02 -9.24 20.19
CA PHE A 23 0.14 -8.66 21.17
C PHE A 23 0.15 -9.50 22.44
N GLN A 24 -0.04 -10.84 22.32
CA GLN A 24 -0.06 -11.79 23.45
C GLN A 24 1.26 -11.86 24.16
N ARG A 25 2.35 -11.55 23.49
CA ARG A 25 3.69 -11.65 24.09
C ARG A 25 4.22 -10.33 24.56
N GLY A 26 3.43 -9.28 24.35
CA GLY A 26 3.85 -7.92 24.73
C GLY A 26 4.99 -7.41 23.88
N VAL A 27 4.98 -7.77 22.58
CA VAL A 27 6.00 -7.30 21.64
C VAL A 27 5.34 -6.23 20.79
N ASN A 28 5.99 -5.08 20.66
CA ASN A 28 5.39 -4.01 19.90
C ASN A 28 5.74 -4.02 18.46
N ARG A 29 7.02 -4.22 18.14
CA ARG A 29 7.58 -4.15 16.80
C ARG A 29 8.52 -5.34 16.54
N SER A 30 8.32 -6.01 15.39
CA SER A 30 9.15 -7.14 15.00
C SER A 30 9.52 -6.99 13.52
N LEU A 31 10.83 -6.86 13.24
CA LEU A 31 11.38 -6.71 11.91
C LEU A 31 10.82 -7.75 10.92
N HIS A 32 10.43 -7.27 9.75
CA HIS A 32 9.99 -8.13 8.68
C HIS A 32 11.16 -8.27 7.72
N GLY A 33 11.76 -7.17 7.33
CA GLY A 33 12.91 -7.24 6.44
C GLY A 33 13.56 -5.93 6.07
N ILE A 34 14.71 -6.04 5.41
CA ILE A 34 15.46 -4.90 4.86
C ILE A 34 15.57 -5.21 3.38
N TRP A 35 14.91 -4.39 2.59
CA TRP A 35 14.78 -4.70 1.18
C TRP A 35 15.43 -3.77 0.20
N PRO A 36 16.57 -4.19 -0.40
CA PRO A 36 17.12 -3.43 -1.52
C PRO A 36 16.22 -3.67 -2.75
N GLU A 37 16.49 -3.01 -3.86
CA GLU A 37 15.74 -3.16 -5.12
C GLU A 37 15.83 -4.57 -5.67
N LYS A 38 17.02 -5.17 -5.67
CA LYS A 38 17.24 -6.51 -6.23
C LYS A 38 16.68 -7.66 -5.35
N ILE A 39 15.85 -8.50 -5.98
CA ILE A 39 15.26 -9.66 -5.35
C ILE A 39 16.12 -10.80 -5.79
N CYS A 40 16.54 -11.65 -4.84
CA CYS A 40 17.40 -12.77 -5.13
CA CYS A 40 17.41 -12.80 -5.09
C CYS A 40 16.57 -13.92 -5.67
N THR A 41 17.06 -14.54 -6.73
CA THR A 41 16.38 -15.66 -7.37
C THR A 41 17.38 -16.75 -7.51
N GLY A 42 16.91 -17.99 -7.43
CA GLY A 42 17.78 -19.13 -7.59
C GLY A 42 18.32 -19.64 -6.28
N VAL A 43 19.34 -20.46 -6.39
CA VAL A 43 19.98 -21.08 -5.23
C VAL A 43 20.87 -20.08 -4.44
N PRO A 44 20.58 -19.90 -3.14
CA PRO A 44 21.43 -19.06 -2.27
C PRO A 44 22.88 -19.54 -2.25
N SER A 45 23.81 -18.62 -2.09
CA SER A 45 25.26 -18.86 -2.01
C SER A 45 25.63 -19.49 -0.67
N HIS A 46 24.74 -19.31 0.33
CA HIS A 46 24.94 -19.86 1.66
C HIS A 46 23.57 -20.13 2.20
N LEU A 47 23.39 -21.29 2.81
CA LEU A 47 22.15 -21.69 3.42
C LEU A 47 22.21 -21.22 4.85
N ALA A 48 21.27 -20.34 5.23
CA ALA A 48 21.22 -19.77 6.57
C ALA A 48 20.86 -20.85 7.56
N THR A 49 21.62 -20.94 8.67
CA THR A 49 21.31 -21.93 9.71
C THR A 49 20.47 -21.33 10.81
N ASP A 50 19.87 -22.18 11.62
CA ASP A 50 19.06 -21.75 12.74
C ASP A 50 19.87 -20.91 13.72
N THR A 51 21.10 -21.33 14.02
CA THR A 51 21.98 -20.61 14.93
C THR A 51 22.24 -19.23 14.41
N GLU A 52 22.56 -19.08 13.08
CA GLU A 52 22.80 -17.77 12.50
C GLU A 52 21.55 -16.91 12.57
N LEU A 53 20.39 -17.46 12.21
CA LEU A 53 19.15 -16.67 12.17
C LEU A 53 18.63 -16.27 13.54
N LYS A 54 18.94 -17.07 14.56
CA LYS A 54 18.54 -16.78 15.94
C LYS A 54 19.32 -15.61 16.52
N ALA A 55 20.42 -15.21 15.89
CA ALA A 55 21.26 -14.09 16.29
C ALA A 55 20.61 -12.76 15.94
N ILE A 56 19.41 -12.77 15.27
CA ILE A 56 18.61 -11.57 15.02
C ILE A 56 17.64 -11.57 16.21
N HIS A 57 18.09 -11.05 17.34
CA HIS A 57 17.33 -11.07 18.59
C HIS A 57 16.11 -10.17 18.55
N GLY A 58 14.97 -10.71 18.92
CA GLY A 58 13.72 -9.98 18.99
C GLY A 58 12.84 -10.16 17.77
N MET A 59 13.41 -10.54 16.64
CA MET A 59 12.65 -10.74 15.42
C MET A 59 11.88 -12.03 15.53
N MET A 60 10.57 -11.92 15.53
CA MET A 60 9.68 -13.06 15.60
C MET A 60 9.36 -13.52 14.19
N ASP A 61 9.30 -14.84 14.03
CA ASP A 61 8.95 -15.50 12.79
C ASP A 61 7.46 -15.22 12.53
N ALA A 62 7.10 -15.00 11.28
CA ALA A 62 5.70 -14.80 10.90
C ALA A 62 5.00 -16.18 10.83
N SER A 63 5.76 -17.29 10.84
CA SER A 63 5.08 -18.60 10.73
C SER A 63 4.58 -19.17 12.09
N GLU A 64 3.37 -19.71 12.15
CA GLU A 64 2.87 -20.36 13.37
C GLU A 64 3.53 -21.73 13.59
N LYS A 65 4.12 -22.29 12.53
CA LYS A 65 4.81 -23.57 12.54
C LYS A 65 6.01 -23.57 13.38
N THR A 66 6.43 -22.38 13.86
CA THR A 66 7.55 -22.31 14.79
C THR A 66 7.05 -21.64 16.07
N ASN A 67 5.72 -21.44 16.15
CA ASN A 67 5.04 -20.69 17.20
C ASN A 67 5.57 -19.25 17.22
N TYR A 68 5.76 -18.67 16.03
CA TYR A 68 6.22 -17.30 15.84
C TYR A 68 7.51 -17.01 16.56
N THR A 69 8.50 -17.89 16.36
CA THR A 69 9.81 -17.74 16.98
C THR A 69 10.92 -17.56 15.93
N CYS A 70 11.41 -18.68 15.39
CA CYS A 70 12.47 -18.75 14.39
CA CYS A 70 12.47 -18.76 14.38
C CYS A 70 12.40 -20.15 13.71
N CYS A 71 12.80 -20.32 12.42
CA CYS A 71 13.47 -19.34 11.59
CA CYS A 71 13.46 -19.33 11.59
C CYS A 71 12.89 -19.23 10.18
N ARG A 72 11.64 -19.61 9.99
CA ARG A 72 11.03 -19.57 8.65
C ARG A 72 11.09 -18.19 7.96
N LEU A 73 10.49 -17.13 8.57
CA LEU A 73 10.54 -15.77 8.01
C LEU A 73 12.00 -15.30 7.90
N GLN A 74 12.80 -15.49 8.93
CA GLN A 74 14.23 -15.11 8.95
C GLN A 74 14.94 -15.72 7.73
N ARG A 75 14.74 -17.05 7.45
CA ARG A 75 15.37 -17.73 6.32
C ARG A 75 14.84 -17.24 5.00
N HIS A 76 13.50 -17.04 4.89
CA HIS A 76 12.89 -16.49 3.69
C HIS A 76 13.51 -15.13 3.37
N GLU A 77 13.76 -14.29 4.41
CA GLU A 77 14.39 -12.96 4.21
C GLU A 77 15.77 -13.04 3.63
N TRP A 78 16.59 -13.94 4.16
CA TRP A 78 17.94 -14.19 3.62
C TRP A 78 17.84 -14.73 2.18
N ASN A 79 16.92 -15.67 1.95
CA ASN A 79 16.75 -16.32 0.65
C ASN A 79 16.30 -15.41 -0.47
N LYS A 80 15.34 -14.53 -0.18
CA LYS A 80 14.74 -13.60 -1.14
C LYS A 80 15.45 -12.23 -1.25
N HIS A 81 16.02 -11.72 -0.15
CA HIS A 81 16.60 -10.37 -0.15
C HIS A 81 18.02 -10.27 0.31
N GLY A 82 18.52 -11.32 0.98
CA GLY A 82 19.81 -11.27 1.60
C GLY A 82 21.01 -11.65 0.79
N TRP A 83 21.13 -12.93 0.43
CA TRP A 83 22.33 -13.47 -0.20
C TRP A 83 22.96 -12.77 -1.36
N CYS A 84 22.16 -12.34 -2.37
CA CYS A 84 22.63 -11.71 -3.59
CA CYS A 84 22.85 -11.70 -3.49
C CYS A 84 22.97 -10.22 -3.40
N ASN A 85 22.59 -9.64 -2.25
CA ASN A 85 22.80 -8.21 -2.00
C ASN A 85 23.97 -8.01 -1.00
N TRP A 86 24.01 -8.82 0.08
CA TRP A 86 25.02 -8.77 1.13
C TRP A 86 26.18 -9.71 0.93
N TYR A 87 26.00 -10.77 0.10
CA TYR A 87 26.99 -11.78 -0.27
C TYR A 87 27.42 -12.72 0.83
N ASN A 88 27.53 -12.20 2.06
CA ASN A 88 27.93 -12.99 3.23
C ASN A 88 26.90 -12.76 4.28
N ILE A 89 26.52 -13.83 5.00
CA ILE A 89 25.46 -13.73 5.98
C ILE A 89 25.81 -12.86 7.20
N GLU A 90 27.08 -12.89 7.62
CA GLU A 90 27.55 -12.15 8.81
C GLU A 90 27.13 -10.63 8.78
N PRO A 91 27.48 -9.81 7.74
CA PRO A 91 27.05 -8.40 7.76
C PRO A 91 25.53 -8.22 7.72
N TRP A 92 24.82 -9.16 7.04
CA TRP A 92 23.36 -9.12 6.95
C TRP A 92 22.75 -9.41 8.34
N ILE A 93 23.28 -10.42 9.08
CA ILE A 93 22.82 -10.75 10.45
C ILE A 93 23.00 -9.52 11.36
N LEU A 94 24.20 -8.88 11.29
CA LEU A 94 24.54 -7.67 12.07
C LEU A 94 23.61 -6.51 11.80
N LEU A 95 23.33 -6.20 10.52
CA LEU A 95 22.39 -5.13 10.16
C LEU A 95 20.96 -5.43 10.66
N MET A 96 20.45 -6.64 10.40
CA MET A 96 19.11 -7.07 10.81
C MET A 96 18.97 -7.00 12.33
N ASN A 97 19.97 -7.52 13.04
CA ASN A 97 19.96 -7.54 14.51
C ASN A 97 19.95 -6.10 15.10
N LYS A 98 20.81 -5.23 14.55
CA LYS A 98 20.89 -3.84 15.01
C LYS A 98 19.59 -3.10 14.68
N THR A 99 18.97 -3.39 13.52
CA THR A 99 17.69 -2.80 13.11
C THR A 99 16.64 -3.20 14.09
N GLN A 100 16.56 -4.49 14.40
CA GLN A 100 15.60 -4.97 15.37
C GLN A 100 15.82 -4.36 16.77
N ALA A 101 17.09 -4.23 17.22
CA ALA A 101 17.41 -3.66 18.55
C ALA A 101 16.82 -2.23 18.63
N ASN A 102 17.02 -1.41 17.60
CA ASN A 102 16.39 -0.09 17.51
C ASN A 102 14.84 -0.18 17.59
N LEU A 103 14.25 -1.15 16.88
CA LEU A 103 12.80 -1.33 16.93
C LEU A 103 12.33 -1.65 18.33
N THR A 104 12.99 -2.60 19.02
CA THR A 104 12.63 -3.03 20.36
C THR A 104 12.69 -1.86 21.35
N GLU A 105 13.75 -1.05 21.26
CA GLU A 105 13.99 0.10 22.11
C GLU A 105 12.94 1.21 21.89
N GLY A 106 12.82 1.66 20.63
CA GLY A 106 11.94 2.74 20.19
C GLY A 106 10.47 2.42 20.28
N PRO A 108 12.85 4.08 15.71
CA PRO A 108 13.57 5.37 15.56
C PRO A 108 13.11 6.62 16.39
N LEU A 109 11.95 7.28 16.12
CA LEU A 109 10.97 6.91 15.11
C LEU A 109 10.87 7.74 13.82
N ARG A 110 10.94 6.98 12.74
CA ARG A 110 10.73 7.28 11.34
C ARG A 110 9.88 6.04 11.08
N GLU A 111 8.62 6.18 11.42
CA GLU A 111 7.71 5.10 11.31
C GLU A 111 6.52 5.52 10.45
N CYS A 112 6.40 4.90 9.23
CA CYS A 112 5.29 5.16 8.33
CA CYS A 112 5.33 5.15 8.26
C CYS A 112 4.47 3.90 8.09
N ALA A 113 3.17 4.02 8.19
CA ALA A 113 2.21 2.92 8.00
C ALA A 113 2.34 2.34 6.60
N VAL A 114 2.25 1.00 6.48
CA VAL A 114 2.30 0.31 5.19
C VAL A 114 0.91 -0.31 4.99
N THR A 115 0.45 -1.08 5.99
CA THR A 115 -0.83 -1.75 5.96
C THR A 115 -1.55 -1.51 7.25
N CYS A 116 -2.88 -1.42 7.15
CA CYS A 116 -3.75 -1.16 8.27
CA CYS A 116 -3.72 -1.23 8.31
C CYS A 116 -4.87 -2.19 8.30
N ARG A 117 -5.55 -2.25 9.43
CA ARG A 117 -6.77 -2.95 9.72
C ARG A 117 -7.59 -1.82 10.32
N TYR A 118 -8.61 -1.37 9.59
CA TYR A 118 -9.46 -0.32 10.14
C TYR A 118 -10.37 -0.97 11.19
N ASP A 119 -10.25 -0.50 12.45
CA ASP A 119 -11.04 -1.02 13.56
C ASP A 119 -12.26 -0.09 13.74
N ARG A 120 -13.49 -0.62 13.63
CA ARG A 120 -14.71 0.21 13.74
C ARG A 120 -14.97 0.69 15.18
N ASP A 121 -14.83 -0.21 16.15
CA ASP A 121 -15.03 0.05 17.59
C ASP A 121 -14.18 1.19 18.14
N SER A 122 -12.98 1.38 17.59
CA SER A 122 -12.10 2.45 18.04
C SER A 122 -12.01 3.58 17.02
N ASP A 123 -12.60 3.37 15.82
CA ASP A 123 -12.59 4.30 14.69
C ASP A 123 -11.12 4.61 14.27
N LEU A 124 -10.22 3.62 14.44
CA LEU A 124 -8.80 3.78 14.16
C LEU A 124 -8.26 2.85 13.11
N ASN A 125 -7.25 3.33 12.36
CA ASN A 125 -6.48 2.55 11.43
C ASN A 125 -5.37 1.92 12.30
N VAL A 126 -5.52 0.65 12.67
CA VAL A 126 -4.50 -0.08 13.44
C VAL A 126 -3.44 -0.54 12.44
N VAL A 127 -2.23 -0.06 12.61
CA VAL A 127 -1.11 -0.35 11.70
C VAL A 127 -0.54 -1.71 12.09
N THR A 128 -0.50 -2.60 11.12
CA THR A 128 -0.03 -3.98 11.28
C THR A 128 1.36 -4.12 10.71
N GLN A 129 1.74 -3.24 9.77
CA GLN A 129 3.11 -3.19 9.24
C GLN A 129 3.49 -1.73 8.98
N ALA A 130 4.74 -1.36 9.29
CA ALA A 130 5.25 -0.01 9.06
C ALA A 130 6.61 -0.10 8.49
N ARG A 131 7.08 0.98 7.90
CA ARG A 131 8.43 1.08 7.33
C ARG A 131 9.05 2.44 7.63
N ASP A 132 10.31 2.60 7.34
CA ASP A 132 11.03 3.82 7.66
C ASP A 132 10.96 4.92 6.56
N SER A 133 10.02 4.83 5.62
CA SER A 133 9.88 5.85 4.56
C SER A 133 8.42 5.86 4.10
N PRO A 134 7.81 7.00 3.72
CA PRO A 134 6.39 6.95 3.26
C PRO A 134 6.12 6.06 2.05
N THR A 135 4.93 5.50 1.99
CA THR A 135 4.56 4.60 0.90
C THR A 135 3.04 4.57 0.70
N PRO A 136 2.52 4.22 -0.50
CA PRO A 136 1.05 4.06 -0.64
C PRO A 136 0.54 3.05 0.37
N LEU A 137 -0.58 3.35 0.97
CA LEU A 137 -1.22 2.57 2.02
C LEU A 137 -2.14 1.49 1.48
N THR A 138 -2.39 0.46 2.29
CA THR A 138 -3.27 -0.66 2.00
C THR A 138 -4.12 -0.92 3.24
N GLY A 139 -5.44 -0.91 3.09
CA GLY A 139 -6.40 -1.19 4.14
C GLY A 139 -6.64 -0.08 5.17
N CYS A 140 -6.14 1.13 4.90
CA CYS A 140 -6.30 2.28 5.77
CA CYS A 140 -6.28 2.29 5.76
C CYS A 140 -7.51 3.12 5.34
N LYS A 141 -8.40 3.47 6.27
CA LYS A 141 -9.58 4.29 5.95
C LYS A 141 -9.14 5.76 5.92
N LYS A 142 -9.40 6.46 4.81
CA LYS A 142 -8.97 7.86 4.65
C LYS A 142 -9.66 8.76 5.66
N GLY A 143 -8.89 9.68 6.23
CA GLY A 143 -9.41 10.61 7.23
C GLY A 143 -9.31 10.16 8.67
N LYS A 144 -9.15 8.85 8.93
CA LYS A 144 -9.06 8.33 10.30
C LYS A 144 -7.65 8.42 10.87
N ASN A 145 -7.51 8.35 12.20
CA ASN A 145 -6.21 8.40 12.86
C ASN A 145 -5.57 7.00 12.87
N PHE A 146 -4.25 6.98 13.06
CA PHE A 146 -3.45 5.77 13.03
C PHE A 146 -2.98 5.30 14.41
N SER A 147 -3.05 3.98 14.68
CA SER A 147 -2.58 3.43 15.97
C SER A 147 -1.39 2.50 15.70
N PHE A 148 -0.18 2.95 16.07
CA PHE A 148 1.08 2.21 15.90
C PHE A 148 1.42 1.54 17.24
N ALA A 149 1.00 0.26 17.43
CA ALA A 149 1.21 -0.47 18.68
C ALA A 149 0.79 0.39 19.92
N GLY A 150 -0.46 0.90 19.87
CA GLY A 150 -1.06 1.71 20.93
C GLY A 150 -0.77 3.19 20.88
N ILE A 151 0.10 3.66 19.98
CA ILE A 151 0.43 5.06 19.86
C ILE A 151 -0.42 5.72 18.79
N LEU A 152 -1.27 6.67 19.22
CA LEU A 152 -2.16 7.40 18.33
C LEU A 152 -1.49 8.55 17.64
N VAL A 153 -1.54 8.57 16.32
CA VAL A 153 -0.90 9.53 15.41
C VAL A 153 -1.98 10.05 14.48
N GLN A 154 -1.86 11.29 14.00
CA GLN A 154 -2.87 11.82 13.09
C GLN A 154 -2.70 11.37 11.65
N GLY A 155 -1.47 11.28 11.22
CA GLY A 155 -1.19 10.89 9.86
C GLY A 155 -0.59 9.50 9.74
N PRO A 156 -0.18 9.10 8.51
CA PRO A 156 0.43 7.78 8.34
C PRO A 156 1.89 7.71 8.81
N CYS A 157 2.54 8.85 9.18
CA CYS A 157 3.91 8.83 9.67
CA CYS A 157 3.92 8.88 9.64
C CYS A 157 4.07 9.35 11.09
N ASN A 158 4.66 8.50 11.95
CA ASN A 158 4.94 8.56 13.40
C ASN A 158 6.40 8.86 13.66
N PHE A 159 6.62 9.76 14.60
CA PHE A 159 7.97 10.27 14.88
C PHE A 159 8.39 10.11 16.36
N GLU A 160 7.42 9.60 17.17
CA GLU A 160 7.53 9.37 18.60
CA GLU A 160 7.42 9.33 18.61
C GLU A 160 8.19 8.06 19.03
N ILE A 161 9.00 8.16 20.13
CA ILE A 161 9.71 7.03 20.72
C ILE A 161 8.84 6.50 21.87
N SER B 2 9.49 -2.03 -6.18
CA SER B 2 8.83 -3.25 -6.64
C SER B 2 7.85 -2.99 -7.80
N GLU B 3 6.66 -3.62 -7.73
CA GLU B 3 5.55 -3.45 -8.66
C GLU B 3 4.88 -2.13 -8.16
N ASN B 4 4.05 -1.57 -9.02
CA ASN B 4 3.36 -0.33 -8.77
C ASN B 4 1.90 -0.59 -8.55
N ILE B 5 1.27 0.14 -7.57
CA ILE B 5 -0.18 0.05 -7.35
C ILE B 5 -0.85 1.06 -8.33
N THR B 6 -1.71 0.59 -9.23
CA THR B 6 -2.49 1.45 -10.10
C THR B 6 -3.88 1.52 -9.42
N GLN B 7 -4.37 2.71 -9.09
CA GLN B 7 -5.68 2.88 -8.45
C GLN B 7 -6.51 3.87 -9.21
N TRP B 8 -7.81 3.64 -9.27
CA TRP B 8 -8.70 4.53 -10.02
C TRP B 8 -10.02 4.67 -9.32
N ASN B 9 -10.73 5.72 -9.67
CA ASN B 9 -12.08 6.03 -9.20
C ASN B 9 -13.07 5.41 -10.16
N LEU B 10 -14.24 5.07 -9.63
CA LEU B 10 -15.32 4.49 -10.43
C LEU B 10 -16.55 5.31 -10.13
N GLN B 11 -17.42 5.48 -11.12
CA GLN B 11 -18.64 6.26 -10.98
C GLN B 11 -19.63 5.69 -9.96
N ASP B 12 -20.29 6.59 -9.23
CA ASP B 12 -21.30 6.27 -8.24
C ASP B 12 -22.04 7.55 -7.89
N ASN B 13 -23.32 7.65 -8.33
CA ASN B 13 -24.20 8.78 -8.01
C ASN B 13 -24.41 8.93 -6.53
N GLY B 14 -24.31 7.85 -5.77
CA GLY B 14 -24.46 7.89 -4.33
C GLY B 14 -23.26 8.43 -3.57
N THR B 15 -22.14 8.68 -4.27
CA THR B 15 -20.93 9.20 -3.62
C THR B 15 -20.65 10.62 -4.06
N GLU B 16 -20.73 11.53 -3.09
CA GLU B 16 -20.45 12.95 -3.27
C GLU B 16 -18.97 13.09 -3.69
N GLY B 17 -18.73 13.92 -4.69
CA GLY B 17 -17.39 14.17 -5.18
C GLY B 17 -17.18 13.69 -6.59
N ILE B 18 -15.94 13.30 -6.92
CA ILE B 18 -15.56 12.81 -8.26
C ILE B 18 -16.49 11.69 -8.75
N GLN B 19 -16.87 10.75 -7.86
CA GLN B 19 -17.73 9.61 -8.23
C GLN B 19 -19.09 10.03 -8.78
N ARG B 20 -19.68 11.11 -8.23
CA ARG B 20 -20.96 11.65 -8.70
C ARG B 20 -20.74 12.40 -10.03
N ALA B 21 -19.66 13.20 -10.11
CA ALA B 21 -19.30 13.96 -11.31
C ALA B 21 -19.08 13.01 -12.48
N MET B 22 -18.43 11.85 -12.21
CA MET B 22 -18.18 10.84 -13.23
C MET B 22 -19.51 10.26 -13.74
N PHE B 23 -20.41 9.94 -12.80
CA PHE B 23 -21.73 9.41 -13.11
C PHE B 23 -22.47 10.38 -14.03
N GLN B 24 -22.52 11.69 -13.68
CA GLN B 24 -23.19 12.74 -14.45
C GLN B 24 -22.57 12.95 -15.82
N ARG B 25 -21.27 12.62 -15.98
CA ARG B 25 -20.58 12.84 -17.25
C ARG B 25 -20.49 11.58 -18.07
N GLY B 26 -21.01 10.49 -17.53
CA GLY B 26 -20.97 9.20 -18.23
C GLY B 26 -19.57 8.63 -18.28
N VAL B 27 -18.77 8.87 -17.24
CA VAL B 27 -17.40 8.34 -17.16
C VAL B 27 -17.43 7.16 -16.20
N ASN B 28 -16.89 6.03 -16.61
CA ASN B 28 -16.90 4.85 -15.76
C ASN B 28 -15.75 4.76 -14.81
N ARG B 29 -14.52 4.98 -15.33
CA ARG B 29 -13.26 4.84 -14.61
C ARG B 29 -12.35 6.01 -14.85
N SER B 30 -11.81 6.59 -13.77
CA SER B 30 -10.91 7.72 -13.87
C SER B 30 -9.72 7.47 -12.97
N LEU B 31 -8.53 7.35 -13.61
CA LEU B 31 -7.25 7.10 -12.95
C LEU B 31 -7.03 8.04 -11.77
N HIS B 32 -6.61 7.47 -10.64
CA HIS B 32 -6.27 8.24 -9.48
C HIS B 32 -4.74 8.32 -9.50
N GLY B 33 -4.06 7.19 -9.66
CA GLY B 33 -2.61 7.22 -9.74
C GLY B 33 -1.92 5.90 -9.98
N ILE B 34 -0.61 5.97 -10.23
CA ILE B 34 0.27 4.81 -10.38
C ILE B 34 1.30 5.01 -9.28
N TRP B 35 1.30 4.11 -8.33
CA TRP B 35 2.10 4.29 -7.15
C TRP B 35 3.22 3.32 -6.91
N PRO B 36 4.49 3.69 -7.20
CA PRO B 36 5.62 2.83 -6.81
C PRO B 36 5.75 2.87 -5.28
N GLU B 37 6.66 2.07 -4.72
CA GLU B 37 6.93 2.01 -3.27
C GLU B 37 7.29 3.39 -2.69
N LYS B 38 8.19 4.10 -3.37
CA LYS B 38 8.73 5.39 -2.95
C LYS B 38 7.75 6.55 -3.15
N ILE B 39 7.45 7.24 -2.07
CA ILE B 39 6.66 8.47 -2.09
C ILE B 39 7.69 9.55 -2.16
N CYS B 40 7.55 10.51 -3.10
CA CYS B 40 8.52 11.59 -3.27
CA CYS B 40 8.54 11.58 -3.26
C CYS B 40 8.54 12.52 -2.05
N THR B 41 9.73 12.86 -1.55
CA THR B 41 9.82 13.78 -0.40
C THR B 41 10.59 15.05 -0.70
N GLY B 42 11.51 15.01 -1.65
CA GLY B 42 12.27 16.22 -1.95
C GLY B 42 11.51 17.32 -2.68
N VAL B 43 12.25 18.06 -3.46
CA VAL B 43 11.70 19.08 -4.34
C VAL B 43 11.65 18.49 -5.76
N PRO B 44 10.52 18.61 -6.50
CA PRO B 44 10.46 18.04 -7.85
C PRO B 44 11.53 18.55 -8.76
N SER B 45 12.04 17.69 -9.63
CA SER B 45 13.05 17.97 -10.64
C SER B 45 12.47 18.79 -11.80
N HIS B 46 11.14 18.76 -11.93
CA HIS B 46 10.41 19.49 -12.95
C HIS B 46 9.05 19.77 -12.37
N LEU B 47 8.57 20.99 -12.57
CA LEU B 47 7.27 21.45 -12.13
C LEU B 47 6.29 21.20 -13.27
N ALA B 48 5.28 20.36 -13.03
CA ALA B 48 4.29 19.97 -14.03
C ALA B 48 3.42 21.15 -14.42
N THR B 49 3.23 21.37 -15.73
CA THR B 49 2.36 22.45 -16.21
C THR B 49 0.97 21.92 -16.56
N ASP B 50 0.00 22.82 -16.71
CA ASP B 50 -1.37 22.46 -17.07
C ASP B 50 -1.43 21.75 -18.39
N THR B 51 -0.68 22.27 -19.37
CA THR B 51 -0.60 21.68 -20.71
C THR B 51 -0.12 20.27 -20.64
N GLU B 52 0.96 20.01 -19.87
CA GLU B 52 1.49 18.64 -19.73
C GLU B 52 0.47 17.72 -19.06
N LEU B 53 -0.15 18.19 -17.96
CA LEU B 53 -1.09 17.35 -17.22
C LEU B 53 -2.38 17.06 -17.96
N LYS B 54 -2.79 17.96 -18.87
CA LYS B 54 -3.99 17.78 -19.68
C LYS B 54 -3.83 16.71 -20.72
N ALA B 55 -2.58 16.30 -21.00
CA ALA B 55 -2.24 15.25 -21.96
C ALA B 55 -2.55 13.84 -21.42
N ILE B 56 -3.02 13.73 -20.14
CA ILE B 56 -3.52 12.49 -19.54
C ILE B 56 -5.03 12.58 -19.82
N HIS B 57 -5.43 12.18 -21.03
CA HIS B 57 -6.82 12.28 -21.48
C HIS B 57 -7.76 11.33 -20.75
N GLY B 58 -8.87 11.86 -20.28
CA GLY B 58 -9.89 11.11 -19.56
C GLY B 58 -9.75 11.13 -18.06
N MET B 59 -8.57 11.48 -17.55
CA MET B 59 -8.38 11.51 -16.10
C MET B 59 -9.00 12.77 -15.56
N MET B 60 -9.99 12.60 -14.68
CA MET B 60 -10.71 13.68 -14.06
C MET B 60 -10.06 13.99 -12.74
N ASP B 61 -10.04 15.28 -12.42
CA ASP B 61 -9.50 15.80 -11.19
C ASP B 61 -10.52 15.45 -10.09
N ALA B 62 -10.01 15.13 -8.89
CA ALA B 62 -10.87 14.81 -7.77
C ALA B 62 -11.41 16.11 -7.08
N SER B 63 -10.88 17.28 -7.48
CA SER B 63 -11.23 18.60 -6.93
C SER B 63 -12.46 19.24 -7.58
N GLU B 64 -13.39 19.72 -6.75
CA GLU B 64 -14.54 20.43 -7.32
C GLU B 64 -14.11 21.84 -7.79
N LYS B 65 -12.96 22.33 -7.26
CA LYS B 65 -12.39 23.63 -7.56
C LYS B 65 -12.02 23.76 -9.00
N THR B 66 -11.98 22.64 -9.74
CA THR B 66 -11.70 22.69 -11.17
C THR B 66 -12.90 22.09 -11.89
N ASN B 67 -13.99 21.85 -11.14
CA ASN B 67 -15.20 21.19 -11.62
C ASN B 67 -14.85 19.77 -12.10
N TYR B 68 -13.95 19.11 -11.37
CA TYR B 68 -13.50 17.75 -11.65
C TYR B 68 -12.94 17.59 -13.03
N THR B 69 -12.03 18.50 -13.44
CA THR B 69 -11.42 18.46 -14.76
C THR B 69 -9.89 18.23 -14.66
N CYS B 70 -9.12 19.33 -14.45
CA CYS B 70 -7.67 19.37 -14.39
CA CYS B 70 -7.66 19.38 -14.37
C CYS B 70 -7.29 20.68 -13.67
N CYS B 71 -6.19 20.72 -12.91
CA CYS B 71 -5.15 19.70 -12.84
CA CYS B 71 -5.29 19.58 -12.78
C CYS B 71 -4.67 19.43 -11.41
N ARG B 72 -5.47 19.67 -10.40
CA ARG B 72 -5.00 19.50 -9.02
C ARG B 72 -4.56 18.07 -8.69
N LEU B 73 -5.40 17.08 -8.95
CA LEU B 73 -5.03 15.67 -8.68
C LEU B 73 -3.83 15.28 -9.57
N GLN B 74 -3.91 15.59 -10.84
CA GLN B 74 -2.85 15.29 -11.82
C GLN B 74 -1.50 15.79 -11.33
N ARG B 75 -1.43 17.05 -10.84
CA ARG B 75 -0.20 17.67 -10.32
C ARG B 75 0.28 17.02 -9.07
N HIS B 76 -0.62 16.83 -8.12
CA HIS B 76 -0.40 16.15 -6.85
C HIS B 76 0.21 14.76 -7.12
N GLU B 77 -0.28 14.05 -8.16
CA GLU B 77 0.23 12.72 -8.52
C GLU B 77 1.69 12.78 -8.96
N TRP B 78 2.02 13.77 -9.82
CA TRP B 78 3.39 14.00 -10.26
C TRP B 78 4.29 14.35 -9.07
N ASN B 79 3.80 15.24 -8.21
CA ASN B 79 4.57 15.72 -7.05
C ASN B 79 4.89 14.68 -6.02
N LYS B 80 3.88 13.86 -5.67
CA LYS B 80 3.96 12.85 -4.63
C LYS B 80 4.48 11.49 -5.09
N HIS B 81 4.20 11.10 -6.36
CA HIS B 81 4.56 9.77 -6.85
C HIS B 81 5.40 9.74 -8.12
N GLY B 82 5.35 10.80 -8.91
CA GLY B 82 5.97 10.80 -10.23
C GLY B 82 7.44 11.14 -10.34
N TRP B 83 7.79 12.42 -10.05
CA TRP B 83 9.15 12.91 -10.28
C TRP B 83 10.29 12.07 -9.79
N CYS B 84 10.22 11.54 -8.55
CA CYS B 84 11.29 10.77 -7.92
CA CYS B 84 11.35 10.79 -8.01
C CYS B 84 11.42 9.35 -8.47
N ASN B 85 10.42 8.90 -9.26
CA ASN B 85 10.40 7.54 -9.79
C ASN B 85 10.59 7.40 -11.29
N TRP B 86 10.08 8.35 -12.08
CA TRP B 86 10.12 8.37 -13.55
C TRP B 86 11.16 9.36 -14.04
N TYR B 87 11.58 10.33 -13.19
CA TYR B 87 12.64 11.33 -13.47
C TYR B 87 12.33 12.39 -14.48
N ASN B 88 11.58 12.05 -15.52
CA ASN B 88 11.19 12.98 -16.58
C ASN B 88 9.73 12.89 -16.73
N ILE B 89 9.04 14.01 -16.92
CA ILE B 89 7.57 13.97 -16.99
C ILE B 89 7.01 13.22 -18.22
N GLU B 90 7.72 13.33 -19.38
CA GLU B 90 7.29 12.69 -20.62
C GLU B 90 6.92 11.19 -20.46
N PRO B 91 7.83 10.28 -19.98
CA PRO B 91 7.43 8.87 -19.80
C PRO B 91 6.32 8.65 -18.79
N TRP B 92 6.26 9.50 -17.73
CA TRP B 92 5.20 9.42 -16.73
C TRP B 92 3.85 9.82 -17.36
N ILE B 93 3.79 10.91 -18.17
CA ILE B 93 2.58 11.35 -18.87
C ILE B 93 2.08 10.23 -19.78
N LEU B 94 3.00 9.62 -20.56
CA LEU B 94 2.71 8.50 -21.47
C LEU B 94 2.15 7.28 -20.78
N LEU B 95 2.77 6.84 -19.65
CA LEU B 95 2.26 5.71 -18.87
C LEU B 95 0.85 6.02 -18.28
N MET B 96 0.67 7.18 -17.64
CA MET B 96 -0.61 7.61 -17.06
C MET B 96 -1.68 7.68 -18.13
N ASN B 97 -1.37 8.29 -19.28
CA ASN B 97 -2.31 8.44 -20.39
C ASN B 97 -2.74 7.08 -20.95
N LYS B 98 -1.78 6.16 -21.17
CA LYS B 98 -2.06 4.82 -21.68
C LYS B 98 -2.87 4.02 -20.63
N THR B 99 -2.57 4.19 -19.31
CA THR B 99 -3.32 3.54 -18.24
C THR B 99 -4.75 4.01 -18.29
N GLN B 100 -4.94 5.32 -18.39
CA GLN B 100 -6.28 5.86 -18.48
C GLN B 100 -7.02 5.40 -19.75
N ALA B 101 -6.33 5.31 -20.91
CA ALA B 101 -6.94 4.86 -22.17
C ALA B 101 -7.49 3.45 -21.97
N ASN B 102 -6.73 2.53 -21.35
CA ASN B 102 -7.22 1.20 -20.99
C ASN B 102 -8.48 1.25 -20.09
N LEU B 103 -8.52 2.17 -19.11
CA LEU B 103 -9.63 2.29 -18.19
C LEU B 103 -10.86 2.82 -18.85
N THR B 104 -10.69 3.74 -19.82
CA THR B 104 -11.80 4.30 -20.61
C THR B 104 -12.41 3.24 -21.52
N GLU B 105 -11.57 2.42 -22.15
CA GLU B 105 -11.96 1.38 -23.08
C GLU B 105 -12.80 0.32 -22.42
N GLY B 106 -12.34 -0.20 -21.31
CA GLY B 106 -13.14 -1.19 -20.61
C GLY B 106 -12.62 -1.47 -19.22
N GLN B 107 -12.98 -2.63 -18.71
CA GLN B 107 -12.53 -3.02 -17.41
C GLN B 107 -11.10 -3.59 -17.55
N PRO B 108 -10.15 -3.19 -16.65
CA PRO B 108 -8.76 -3.69 -16.74
C PRO B 108 -8.59 -5.20 -16.52
N LEU B 109 -7.41 -5.76 -16.86
CA LEU B 109 -7.13 -7.20 -16.68
C LEU B 109 -7.36 -7.60 -15.21
N ARG B 110 -7.08 -6.68 -14.27
CA ARG B 110 -7.29 -6.90 -12.85
C ARG B 110 -7.90 -5.67 -12.22
N GLU B 111 -9.11 -5.82 -11.66
CA GLU B 111 -9.86 -4.77 -10.98
C GLU B 111 -10.36 -5.25 -9.61
N CYS B 112 -9.64 -4.84 -8.54
CA CYS B 112 -10.00 -5.19 -7.17
CA CYS B 112 -9.95 -5.19 -7.14
C CYS B 112 -10.55 -3.99 -6.43
N ALA B 113 -11.68 -4.16 -5.77
CA ALA B 113 -12.33 -3.13 -4.97
C ALA B 113 -11.38 -2.64 -3.85
N VAL B 114 -11.35 -1.32 -3.59
CA VAL B 114 -10.54 -0.73 -2.52
C VAL B 114 -11.57 -0.23 -1.48
N THR B 115 -12.50 0.59 -1.96
CA THR B 115 -13.53 1.21 -1.13
C THR B 115 -14.87 1.00 -1.80
N CYS B 116 -15.88 0.76 -0.94
CA CYS B 116 -17.26 0.51 -1.34
CA CYS B 116 -17.26 0.53 -1.35
C CYS B 116 -18.19 1.45 -0.62
N ARG B 117 -19.38 1.63 -1.18
CA ARG B 117 -20.49 2.32 -0.58
C ARG B 117 -21.59 1.26 -0.72
N TYR B 118 -21.98 0.65 0.41
CA TYR B 118 -23.04 -0.33 0.33
C TYR B 118 -24.36 0.40 0.03
N ASP B 119 -25.06 -0.04 -1.00
CA ASP B 119 -26.30 0.56 -1.45
C ASP B 119 -27.44 -0.39 -1.09
N ARG B 120 -28.27 0.00 -0.09
CA ARG B 120 -29.41 -0.80 0.39
C ARG B 120 -30.41 -1.08 -0.70
N ASP B 121 -30.78 -0.05 -1.50
CA ASP B 121 -31.76 -0.11 -2.59
C ASP B 121 -31.48 -1.20 -3.61
N SER B 122 -30.20 -1.47 -3.91
CA SER B 122 -29.83 -2.49 -4.89
C SER B 122 -29.21 -3.69 -4.21
N ASP B 123 -28.98 -3.61 -2.88
CA ASP B 123 -28.35 -4.65 -2.06
C ASP B 123 -26.91 -4.98 -2.60
N LEU B 124 -26.25 -3.94 -3.16
CA LEU B 124 -24.92 -4.05 -3.76
C LEU B 124 -23.86 -3.18 -3.12
N ASN B 125 -22.64 -3.69 -3.12
CA ASN B 125 -21.44 -2.95 -2.72
C ASN B 125 -21.00 -2.20 -3.97
N VAL B 126 -21.31 -0.91 -4.04
CA VAL B 126 -20.92 -0.07 -5.16
C VAL B 126 -19.46 0.33 -4.92
N VAL B 127 -18.59 -0.06 -5.84
CA VAL B 127 -17.15 0.21 -5.75
C VAL B 127 -16.89 1.62 -6.25
N THR B 128 -16.26 2.43 -5.40
CA THR B 128 -15.96 3.84 -5.66
C THR B 128 -14.49 4.01 -6.04
N GLN B 129 -13.64 3.10 -5.59
CA GLN B 129 -12.23 3.08 -5.96
C GLN B 129 -11.76 1.64 -6.09
N ALA B 130 -10.97 1.34 -7.13
CA ALA B 130 -10.45 0.01 -7.33
C ALA B 130 -9.00 0.13 -7.68
N ARG B 131 -8.27 -0.97 -7.56
CA ARG B 131 -6.86 -1.07 -7.92
C ARG B 131 -6.58 -2.40 -8.62
N ASP B 132 -5.39 -2.56 -9.15
CA ASP B 132 -5.07 -3.76 -9.90
C ASP B 132 -4.43 -4.89 -9.06
N SER B 133 -4.62 -4.88 -7.74
CA SER B 133 -4.10 -5.93 -6.85
C SER B 133 -4.99 -6.01 -5.60
N PRO B 134 -5.25 -7.21 -5.01
CA PRO B 134 -6.14 -7.26 -3.84
C PRO B 134 -5.68 -6.46 -2.64
N THR B 135 -6.66 -5.98 -1.87
CA THR B 135 -6.37 -5.17 -0.69
C THR B 135 -7.52 -5.32 0.35
N PRO B 136 -7.28 -5.19 1.66
CA PRO B 136 -8.41 -5.15 2.61
C PRO B 136 -9.39 -4.04 2.21
N LEU B 137 -10.66 -4.35 2.30
CA LEU B 137 -11.74 -3.48 1.87
C LEU B 137 -12.20 -2.52 2.94
N THR B 138 -12.84 -1.43 2.49
CA THR B 138 -13.39 -0.39 3.35
C THR B 138 -14.77 -0.07 2.83
N GLY B 139 -15.77 -0.18 3.72
CA GLY B 139 -17.18 0.16 3.43
C GLY B 139 -17.97 -0.87 2.64
N CYS B 140 -17.42 -2.08 2.54
CA CYS B 140 -18.05 -3.16 1.80
CA CYS B 140 -18.04 -3.18 1.80
C CYS B 140 -18.77 -4.10 2.76
N LYS B 141 -20.06 -4.36 2.52
CA LYS B 141 -20.87 -5.25 3.35
C LYS B 141 -20.53 -6.69 3.01
N LYS B 142 -20.16 -7.50 4.02
CA LYS B 142 -19.76 -8.90 3.79
C LYS B 142 -20.91 -9.73 3.27
N GLY B 143 -20.62 -10.57 2.30
CA GLY B 143 -21.60 -11.43 1.67
C GLY B 143 -22.31 -10.86 0.45
N LYS B 144 -22.32 -9.53 0.29
CA LYS B 144 -22.99 -8.91 -0.85
C LYS B 144 -22.14 -8.89 -2.14
N ASN B 145 -22.79 -8.71 -3.28
CA ASN B 145 -22.12 -8.63 -4.58
C ASN B 145 -21.58 -7.23 -4.83
N PHE B 146 -20.60 -7.13 -5.72
CA PHE B 146 -19.91 -5.90 -6.05
C PHE B 146 -20.31 -5.31 -7.39
N SER B 147 -20.52 -3.99 -7.44
CA SER B 147 -20.88 -3.31 -8.67
C SER B 147 -19.75 -2.34 -9.05
N PHE B 148 -19.00 -2.69 -10.11
CA PHE B 148 -17.87 -1.88 -10.63
C PHE B 148 -18.40 -1.06 -11.82
N ALA B 149 -18.87 0.19 -11.58
CA ALA B 149 -19.48 1.07 -12.61
C ALA B 149 -20.55 0.28 -13.43
N GLY B 150 -21.52 -0.32 -12.73
CA GLY B 150 -22.62 -1.09 -13.30
C GLY B 150 -22.33 -2.55 -13.62
N ILE B 151 -21.09 -2.99 -13.40
CA ILE B 151 -20.67 -4.34 -13.69
C ILE B 151 -20.74 -5.21 -12.44
N LEU B 152 -21.66 -6.19 -12.44
CA LEU B 152 -21.88 -7.06 -11.28
C LEU B 152 -20.94 -8.22 -11.20
N VAL B 153 -20.22 -8.33 -10.08
CA VAL B 153 -19.17 -9.32 -9.79
C VAL B 153 -19.55 -9.96 -8.44
N GLN B 154 -19.20 -11.23 -8.24
CA GLN B 154 -19.54 -11.88 -6.98
C GLN B 154 -18.56 -11.55 -5.87
N GLY B 155 -17.28 -11.43 -6.22
CA GLY B 155 -16.24 -11.13 -5.25
C GLY B 155 -15.67 -9.73 -5.37
N PRO B 156 -14.64 -9.40 -4.57
CA PRO B 156 -14.04 -8.06 -4.66
C PRO B 156 -13.10 -7.87 -5.86
N CYS B 157 -12.77 -8.93 -6.61
CA CYS B 157 -11.91 -8.81 -7.77
CA CYS B 157 -11.88 -8.86 -7.76
C CYS B 157 -12.59 -9.21 -9.09
N ASN B 158 -12.73 -8.21 -9.99
CA ASN B 158 -13.35 -8.17 -11.33
C ASN B 158 -12.34 -8.43 -12.44
N PHE B 159 -12.78 -9.20 -13.46
CA PHE B 159 -11.93 -9.60 -14.59
C PHE B 159 -12.57 -9.47 -16.00
N GLU B 160 -13.93 -9.31 -16.07
CA GLU B 160 -14.61 -9.17 -17.37
CA GLU B 160 -14.70 -9.16 -17.32
C GLU B 160 -14.59 -7.75 -17.90
N ILE B 161 -14.62 -7.64 -19.25
CA ILE B 161 -14.62 -6.38 -20.00
C ILE B 161 -16.07 -5.97 -20.29
C1 NAG C . 21.33 -1.50 1.59
C2 NAG C . 22.48 -1.25 2.61
C3 NAG C . 23.88 -1.56 2.05
C4 NAG C . 23.86 -2.97 1.42
C5 NAG C . 22.73 -2.99 0.37
C6 NAG C . 22.60 -4.40 -0.22
C7 NAG C . 21.82 0.20 4.49
C8 NAG C . 22.06 1.57 5.05
N2 NAG C . 22.53 0.02 3.34
O3 NAG C . 24.65 -1.63 3.28
O4 NAG C . 25.05 -3.06 0.60
O5 NAG C . 21.47 -2.79 1.02
O6 NAG C . 21.86 -4.15 -1.41
O7 NAG C . 21.05 -0.65 4.94
C1 NAG C . 25.80 -4.23 0.87
C2 NAG C . 26.77 -4.33 -0.33
C3 NAG C . 27.74 -5.48 -0.05
C4 NAG C . 28.39 -5.45 1.35
C5 NAG C . 27.32 -5.19 2.43
C6 NAG C . 28.03 -4.84 3.74
C7 NAG C . 25.81 -3.61 -2.51
C8 NAG C . 25.09 -4.20 -3.68
N2 NAG C . 26.07 -4.59 -1.59
O3 NAG C . 28.75 -5.42 -1.07
O4 NAG C . 28.95 -6.74 1.66
O5 NAG C . 26.52 -4.04 2.08
O6 NAG C . 27.08 -4.83 4.81
O7 NAG C . 26.14 -2.43 -2.36
C1 BMA C . 30.37 -6.83 1.56
C2 BMA C . 30.76 -8.11 2.32
C3 BMA C . 32.23 -8.43 2.02
C4 BMA C . 32.48 -8.54 0.51
C5 BMA C . 31.90 -7.32 -0.22
C6 BMA C . 31.95 -7.36 -1.75
O2 BMA C . 29.93 -9.24 1.94
O3 BMA C . 32.78 -9.44 2.90
O4 BMA C . 33.90 -8.52 0.28
O5 BMA C . 30.54 -6.97 0.14
O6 BMA C . 31.63 -6.04 -2.21
C1 BMA C . 33.21 -8.98 4.19
C2 BMA C . 32.93 -9.65 5.55
C3 BMA C . 33.18 -11.16 5.59
C4 BMA C . 33.89 -11.68 4.32
C5 BMA C . 35.01 -10.65 4.09
C6 BMA C . 35.75 -10.66 2.74
O2 BMA C . 31.79 -9.36 6.39
O3 BMA C . 32.09 -11.95 6.11
O4 BMA C . 34.29 -13.03 4.62
O5 BMA C . 34.61 -9.25 4.17
O6 BMA C . 37.12 -10.89 3.12
C1 BMA C . 38.12 -9.87 3.14
C2 BMA C . 37.92 -8.60 4.02
C3 BMA C . 38.35 -8.78 5.47
C4 BMA C . 38.26 -10.24 5.93
C5 BMA C . 39.21 -11.04 5.00
C6 BMA C . 39.09 -12.58 5.02
O2 BMA C . 36.68 -7.87 3.90
O3 BMA C . 37.77 -7.84 6.41
O4 BMA C . 38.53 -10.35 7.34
O5 BMA C . 39.28 -10.55 3.63
O6 BMA C . 37.83 -13.05 5.54
C1 BMA C . 31.95 -5.72 -3.58
C2 BMA C . 31.44 -6.61 -4.74
C3 BMA C . 30.25 -6.01 -5.48
C4 BMA C . 29.50 -4.88 -4.74
C5 BMA C . 30.53 -3.80 -4.34
C6 BMA C . 30.09 -2.75 -3.29
O2 BMA C . 31.21 -8.03 -4.57
O3 BMA C . 29.42 -7.01 -6.11
O4 BMA C . 28.51 -4.45 -5.69
O5 BMA C . 31.82 -4.33 -3.92
O6 BMA C . 29.72 -1.48 -3.87
C1 NAG D . 22.38 -8.22 18.59
C2 NAG D . 23.84 -8.51 19.06
C3 NAG D . 23.87 -8.72 20.59
C4 NAG D . 22.92 -7.77 21.38
C5 NAG D . 21.55 -7.56 20.68
C6 NAG D . 20.59 -6.55 21.30
C7 NAG D . 24.97 -9.68 17.20
C8 NAG D . 25.39 -10.95 16.53
N2 NAG D . 24.30 -9.73 18.38
O3 NAG D . 25.25 -8.49 21.00
O4 NAG D . 22.89 -8.06 22.79
O5 NAG D . 21.74 -7.17 19.31
O6 NAG D . 19.22 -6.94 21.11
O7 NAG D . 25.22 -8.57 16.72
C1 NAG D . 23.86 -7.19 23.41
C2 NAG D . 23.28 -6.57 24.72
C3 NAG D . 24.40 -5.83 25.50
C4 NAG D . 25.48 -6.88 25.85
C5 NAG D . 26.05 -7.31 24.48
C6 NAG D . 27.31 -8.16 24.54
C7 NAG D . 20.89 -6.80 24.90
C8 NAG D . 19.55 -6.10 24.89
N2 NAG D . 21.95 -5.95 24.69
O3 NAG D . 23.87 -5.22 26.68
O4 NAG D . 26.49 -6.24 26.66
O5 NAG D . 25.02 -7.97 23.71
O6 NAG D . 28.04 -8.14 23.31
O7 NAG D . 21.05 -8.01 25.05
C1 NAG E . 19.91 2.60 15.40
C2 NAG E . 20.52 2.79 13.98
C3 NAG E . 21.64 3.86 14.02
C4 NAG E . 21.16 5.18 14.65
C5 NAG E . 20.60 4.86 16.05
C6 NAG E . 19.98 6.11 16.70
C7 NAG E . 20.06 0.94 12.37
C8 NAG E . 20.61 -0.34 11.81
N2 NAG E . 20.88 1.54 13.30
O3 NAG E . 22.02 4.15 12.66
O4 NAG E . 22.31 6.01 14.92
O5 NAG E . 19.58 3.84 16.05
O6 NAG E . 19.14 6.73 15.72
O7 NAG E . 18.97 1.38 12.01
C1 NAG E . 22.37 7.36 14.42
C2 NAG E . 23.66 7.93 15.07
C3 NAG E . 24.40 8.99 14.24
C4 NAG E . 23.77 9.47 12.91
C5 NAG E . 22.63 8.59 12.33
C6 NAG E . 22.80 8.34 10.82
C7 NAG E . 23.34 7.82 17.57
C8 NAG E . 22.80 8.66 18.70
N2 NAG E . 23.24 8.47 16.37
O3 NAG E . 25.77 8.61 14.03
O4 NAG E . 23.39 10.86 13.01
O5 NAG E . 22.38 7.33 12.99
O6 NAG E . 23.38 7.09 10.45
O7 NAG E . 23.81 6.70 17.73
C1 NAG F . 6.70 1.21 -12.03
C2 NAG F . 6.85 1.07 -13.57
C3 NAG F . 8.30 1.30 -14.05
C4 NAG F . 8.81 2.64 -13.45
C5 NAG F . 8.62 2.59 -11.92
C6 NAG F . 8.99 3.93 -11.29
C7 NAG F . 5.07 -0.23 -14.63
C8 NAG F . 4.76 -1.54 -15.31
N2 NAG F . 6.37 -0.15 -14.23
O3 NAG F . 8.17 1.40 -15.47
O4 NAG F . 10.23 2.65 -13.64
O5 NAG F . 7.23 2.45 -11.59
O6 NAG F . 9.19 3.52 -9.94
O7 NAG F . 4.27 0.68 -14.41
C1 NAG F . 10.68 3.88 -14.23
C2 NAG F . 12.20 3.84 -14.00
C3 NAG F . 12.79 5.07 -14.71
C4 NAG F . 12.36 5.23 -16.19
C5 NAG F . 10.84 5.07 -16.29
C6 NAG F . 10.50 4.84 -17.78
C7 NAG F . 12.86 2.88 -11.79
C8 NAG F . 13.12 3.30 -10.37
N2 NAG F . 12.50 3.95 -12.57
O3 NAG F . 14.21 4.98 -14.58
O4 NAG F . 12.65 6.57 -16.65
O5 NAG F . 10.36 3.89 -15.62
O6 NAG F . 9.08 4.94 -17.92
O7 NAG F . 12.93 1.75 -12.26
C1 BMA F . 13.79 6.69 -17.50
C2 BMA F . 13.68 8.06 -18.20
C3 BMA F . 15.01 8.39 -18.89
C4 BMA F . 16.18 8.36 -17.88
C5 BMA F . 16.14 7.03 -17.10
C6 BMA F . 17.18 6.96 -15.96
O2 BMA F . 13.35 9.11 -17.27
O3 BMA F . 14.91 9.51 -19.80
O4 BMA F . 17.42 8.40 -18.60
O5 BMA F . 14.85 6.67 -16.54
O6 BMA F . 17.18 5.59 -15.53
C1 BMA F . 14.40 9.19 -21.12
C2 BMA F . 13.35 10.02 -21.92
C3 BMA F . 13.59 11.52 -21.95
C4 BMA F . 14.97 11.92 -21.39
C5 BMA F . 15.93 10.89 -22.03
C6 BMA F . 17.36 10.79 -21.47
O2 BMA F . 11.93 9.78 -21.82
O3 BMA F . 12.47 12.35 -21.58
O4 BMA F . 15.19 13.30 -21.71
O5 BMA F . 15.51 9.51 -21.97
O6 BMA F . 18.17 11.09 -22.62
C1 BMA F . 18.90 10.11 -23.35
C2 BMA F . 18.14 8.92 -24.00
C3 BMA F . 17.55 9.23 -25.38
C4 BMA F . 17.25 10.73 -25.55
C5 BMA F . 18.61 11.47 -25.37
C6 BMA F . 18.54 12.99 -25.19
O2 BMA F . 17.23 8.15 -23.19
O3 BMA F . 16.49 8.37 -25.80
O4 BMA F . 16.60 10.95 -26.79
O5 BMA F . 19.51 10.87 -24.40
O6 BMA F . 17.25 13.48 -24.76
C1 MAN F . 18.45 5.20 -15.01
C2 MAN F . 18.36 3.69 -14.70
C3 MAN F . 17.50 3.45 -13.45
C4 MAN F . 17.95 4.34 -12.27
C5 MAN F . 17.95 5.81 -12.70
C6 MAN F . 18.45 6.86 -11.69
O2 MAN F . 19.71 3.19 -14.57
O3 MAN F . 17.36 2.05 -13.10
O4 MAN F . 17.08 4.10 -11.15
O5 MAN F . 18.78 6.00 -13.87
O6 MAN F . 19.49 6.36 -10.83
C1 BMA F . 16.12 1.39 -13.43
C2 BMA F . 16.02 0.96 -14.91
C3 BMA F . 16.99 -0.20 -15.18
C4 BMA F . 16.68 -1.42 -14.28
C5 BMA F . 16.32 -1.04 -12.83
C6 BMA F . 17.47 -1.25 -11.82
O2 BMA F . 15.99 2.06 -15.86
O3 BMA F . 18.34 0.14 -14.83
O4 BMA F . 15.96 -2.47 -14.93
O5 BMA F . 15.76 0.28 -12.58
O6 BMA F . 18.60 -1.92 -12.41
C1 NAG G . -3.07 9.65 -24.96
C2 NAG G . -2.25 10.00 -26.24
C3 NAG G . -3.17 10.38 -27.42
C4 NAG G . -4.42 9.47 -27.49
C5 NAG G . -5.05 9.13 -26.11
C6 NAG G . -6.19 8.11 -26.05
C7 NAG G . -0.72 11.84 -25.34
C8 NAG G . 0.68 12.27 -25.06
N2 NAG G . -0.96 10.62 -25.90
O3 NAG G . -2.36 10.24 -28.61
O4 NAG G . -5.29 9.81 -28.60
O5 NAG G . -4.03 8.63 -25.21
O6 NAG G . -7.13 8.43 -25.01
O7 NAG G . -1.65 12.58 -25.06
C1 NAG G . -4.95 8.91 -29.67
C2 NAG G . -6.16 8.20 -30.34
C3 NAG G . -5.69 7.30 -31.51
C4 NAG G . -5.00 8.24 -32.53
C5 NAG G . -3.75 8.80 -31.78
C6 NAG G . -2.83 9.65 -32.67
C7 NAG G . -8.17 8.52 -29.03
C8 NAG G . -9.26 7.92 -28.20
N2 NAG G . -7.23 7.64 -29.52
O3 NAG G . -6.86 6.74 -32.15
O4 NAG G . -4.67 7.56 -33.76
O5 NAG G . -4.15 9.58 -30.64
O6 NAG G . -1.50 9.75 -32.13
O7 NAG G . -8.09 9.73 -29.27
C1 NAG H . 4.81 -1.20 23.81
C2 NAG H . 5.65 -1.15 25.12
C3 NAG H . 4.87 -0.34 26.19
C4 NAG H . 4.34 0.99 25.61
C5 NAG H . 3.36 0.71 24.46
C6 NAG H . 2.80 1.96 23.77
C7 NAG H . 7.42 -2.93 25.07
C8 NAG H . 7.70 -4.39 25.30
N2 NAG H . 6.12 -2.53 25.31
O3 NAG H . 5.81 -0.01 27.24
O4 NAG H . 3.66 1.81 26.59
O5 NAG H . 3.99 -0.09 23.44
O6 NAG H . 3.80 2.97 23.54
O7 NAG H . 8.31 -2.17 24.71
C1 NAG I . 3.65 -20.45 22.01
C2 NAG I . 3.13 -21.64 22.86
C3 NAG I . 2.52 -21.07 24.15
C4 NAG I . 3.47 -20.10 24.92
C5 NAG I . 4.02 -19.05 23.94
C6 NAG I . 4.89 -17.93 24.54
C7 NAG I . 2.38 -23.84 21.86
C8 NAG I . 1.19 -24.44 21.15
N2 NAG I . 2.17 -22.52 22.17
O3 NAG I . 2.12 -22.18 24.96
O4 NAG I . 2.73 -19.27 25.84
O5 NAG I . 4.58 -19.65 22.75
O6 NAG I . 6.28 -18.18 24.72
O7 NAG I . 3.42 -24.45 22.12
C1 NAG J . -8.14 -10.78 21.46
C2 NAG J . -9.09 -10.44 22.65
C3 NAG J . -10.05 -11.59 23.02
C4 NAG J . -10.72 -12.24 21.80
C5 NAG J . -9.75 -12.49 20.62
C6 NAG J . -10.57 -12.54 19.32
C7 NAG J . -8.36 -8.40 23.90
C8 NAG J . -7.58 -7.91 25.09
N2 NAG J . -8.39 -9.76 23.76
O3 NAG J . -11.14 -11.12 23.85
O4 NAG J . -11.53 -13.39 22.13
O5 NAG J . -8.84 -11.39 20.38
O6 NAG J . -10.12 -13.56 18.43
O7 NAG J . -8.89 -7.59 23.13
S SO4 K . 11.92 -19.11 0.78
O1 SO4 K . 12.92 -19.76 1.69
O2 SO4 K . 11.67 -20.23 -0.11
O3 SO4 K . 10.72 -18.81 1.43
O4 SO4 K . 12.60 -17.98 0.14
S SO4 L . 12.07 -23.75 8.12
O1 SO4 L . 12.88 -22.77 7.41
O2 SO4 L . 11.28 -24.52 7.17
O3 SO4 L . 13.12 -24.45 8.81
O4 SO4 L . 10.97 -23.14 8.79
S SO4 M . 8.71 -10.59 1.70
O1 SO4 M . 9.07 -9.90 0.34
O2 SO4 M . 8.44 -11.89 1.01
O3 SO4 M . 7.56 -9.81 2.09
O4 SO4 M . 10.01 -10.55 2.28
O1 CSQ N . 2.82 -18.33 6.91
C2 CSQ N . 2.94 -17.07 7.61
C3 CSQ N . 4.15 -16.28 7.11
O4 CSQ N . 5.44 -16.90 7.48
C5 CSQ N . 4.23 -16.07 5.60
O6 CSQ N . 3.37 -14.98 5.21
C7 CSQ N . 5.75 -15.84 5.43
O8 CSQ N . 6.23 -14.57 5.85
C9 CSQ N . 6.32 -16.91 6.37
N10 CSQ N . 6.39 -18.35 5.74
C11 CSQ N . 7.15 -18.58 4.57
N12 CSQ N . 7.17 -19.83 4.03
C13 CSQ N . 6.45 -20.81 4.59
C14 CSQ N . 5.67 -20.60 5.77
C15 CSQ N . 5.67 -19.37 6.30
O16 CSQ N . 7.78 -17.64 4.05
N17 CSQ N . 6.52 -22.03 4.03
P18 CSQ N . 3.41 -14.62 3.65
O19 CSQ N . 3.03 -15.89 2.95
S20 CSQ N . 4.43 -13.72 3.12
O21 CSQ N . 2.07 -13.75 3.78
C22 CSQ N . 0.80 -14.28 4.20
C23 CSQ N . 0.08 -13.24 5.06
O24 CSQ N . 0.90 -12.84 6.20
C25 CSQ N . -0.28 -11.91 4.36
O26 CSQ N . -1.45 -11.35 4.97
C27 CSQ N . 1.00 -11.11 4.64
O28 CSQ N . 0.82 -9.71 4.52
C29 CSQ N . 1.24 -11.46 6.11
N30 CSQ N . 2.68 -11.18 6.66
C31 CSQ N . 2.86 -10.24 7.67
N32 CSQ N . 4.19 -10.09 8.10
C33 CSQ N . 5.28 -10.79 7.63
C34 CSQ N . 4.98 -11.76 6.58
C35 CSQ N . 3.72 -11.94 6.16
O36 CSQ N . 1.93 -9.58 8.12
O37 CSQ N . 6.42 -10.58 8.06
O1 CSV O . 2.37 -17.93 7.30
C2 CSV O . 2.58 -16.53 7.53
C3 CSV O . 3.84 -16.08 6.82
O4 CSV O . 4.99 -16.91 7.18
C5 CSV O . 3.78 -16.14 5.30
O6 CSV O . 2.97 -15.05 4.79
C7 CSV O . 5.30 -16.15 4.99
O8 CSV O . 5.99 -14.90 5.07
C9 CSV O . 5.84 -17.11 6.07
N10 CSV O . 5.85 -18.62 5.61
C11 CSV O . 6.88 -19.06 4.77
N12 CSV O . 6.86 -20.33 4.29
C13 CSV O . 5.86 -21.14 4.59
C14 CSV O . 4.75 -20.72 5.41
C15 CSV O . 4.79 -19.45 5.88
O16 CSV O . 7.82 -18.27 4.52
N17 CSV O . 5.88 -22.37 4.06
P18 CSV O . 2.76 -14.97 3.19
O19 CSV O . 3.82 -14.39 2.35
S20 CSV O . 2.05 -16.25 2.75
O21 CSV O . 1.68 -13.81 3.37
C22 CSV O . 0.52 -13.88 4.20
C23 CSV O . 0.15 -12.48 4.64
O24 CSV O . 0.84 -12.10 5.87
C25 CSV O . 0.44 -11.35 3.63
O26 CSV O . -0.62 -10.41 3.64
C27 CSV O . 1.76 -10.78 4.16
O28 CSV O . 1.94 -9.38 3.87
C29 CSV O . 1.55 -10.89 5.68
N30 CSV O . 2.86 -10.84 6.54
C31 CSV O . 2.88 -10.05 7.67
N32 CSV O . 4.09 -10.05 8.36
C33 CSV O . 5.21 -10.78 8.05
C34 CSV O . 5.09 -11.59 6.85
C35 CSV O . 3.95 -11.60 6.13
O36 CSV O . 1.92 -9.38 8.01
O37 CSV O . 6.23 -10.72 8.75
OH2 1PE P . 21.30 -25.35 13.65
C12 1PE P . 22.37 -24.20 13.52
C22 1PE P . 23.75 -25.04 13.44
OH3 1PE P . 24.88 -24.55 12.70
C13 1PE P . 24.44 -26.10 10.66
C23 1PE P . 25.32 -25.32 11.57
OH4 1PE P . 25.17 -26.70 9.66
C14 1PE P . 26.84 -25.78 8.66
C24 1PE P . 25.36 -25.97 8.50
OH5 1PE P . 27.55 -24.52 8.39
C15 1PE P . 27.16 -21.92 8.43
C25 1PE P . 26.83 -23.38 8.02
OH6 1PE P . 27.11 -21.31 9.75
C16 1PE P . 26.07 -21.29 11.77
C26 1PE P . 26.28 -22.01 10.54
OH7 1PE P . 25.40 -22.29 12.50
C1 NAG Q . -19.85 2.40 -18.73
C2 NAG Q . -20.12 2.57 -20.24
C3 NAG Q . -21.45 1.87 -20.60
C4 NAG Q . -21.47 0.42 -20.04
C5 NAG Q . -21.38 0.47 -18.51
C6 NAG Q . -21.31 -0.92 -17.85
C7 NAG Q . -18.70 4.41 -21.15
C8 NAG Q . -18.52 5.88 -21.36
N2 NAG Q . -19.86 4.00 -20.52
O3 NAG Q . -21.55 1.78 -22.03
O4 NAG Q . -22.64 -0.34 -20.41
O5 NAG Q . -20.20 1.18 -18.07
O6 NAG Q . -20.40 -1.84 -18.48
O7 NAG Q . -17.83 3.63 -21.55
C1 NAG R . -28.50 11.08 -8.12
C2 NAG R . -29.96 10.67 -8.44
C3 NAG R . -31.00 11.75 -8.02
C4 NAG R . -30.75 12.30 -6.60
C5 NAG R . -29.26 12.57 -6.29
C6 NAG R . -29.07 12.53 -4.77
C7 NAG R . -30.13 8.80 -10.11
C8 NAG R . -30.25 8.49 -11.59
N2 NAG R . -30.10 10.14 -9.82
O3 NAG R . -32.34 11.21 -7.98
O4 NAG R . -31.65 13.37 -6.28
O5 NAG R . -28.37 11.53 -6.77
O6 NAG R . -28.16 13.53 -4.30
O7 NAG R . -30.05 7.90 -9.28
C1 NAG S . -3.31 -1.65 -21.76
C2 NAG S . -1.95 -1.94 -21.07
C3 NAG S . -1.17 -3.04 -21.82
C4 NAG S . -2.06 -4.29 -22.01
C5 NAG S . -3.30 -3.86 -22.81
C6 NAG S . -4.28 -5.03 -23.01
C7 NAG S . -1.19 -0.21 -19.44
C8 NAG S . -0.35 1.03 -19.30
N2 NAG S . -1.18 -0.73 -20.71
O3 NAG S . -0.07 -3.45 -20.98
O4 NAG S . -1.39 -5.35 -22.74
O5 NAG S . -4.03 -2.84 -22.11
O6 NAG S . -4.48 -5.69 -21.76
O7 NAG S . -1.82 -0.66 -18.48
S SO4 T . -2.54 10.21 -3.14
O1 SO4 T . -2.67 8.88 -2.38
O2 SO4 T . -1.69 10.01 -4.39
O3 SO4 T . -3.83 10.58 -3.66
O4 SO4 T . -1.85 10.97 -2.19
S SO4 U . 0.78 18.88 -4.19
O1 SO4 U . 1.42 17.48 -3.91
O2 SO4 U . 0.75 19.29 -5.68
O3 SO4 U . -0.64 18.83 -3.82
O4 SO4 U . 1.80 19.73 -3.59
S SO4 V . 0.19 26.18 -19.03
O1 SO4 V . 0.52 24.72 -19.05
O2 SO4 V . -1.30 26.41 -18.75
O3 SO4 V . 0.85 26.75 -17.91
O4 SO4 V . 0.32 26.56 -20.39
N1 U5P W . -10.56 10.00 -2.44
C2 U5P W . -11.32 9.51 -3.82
N3 U5P W . -10.73 9.83 -5.10
C4 U5P W . -9.50 10.55 -5.20
C5 U5P W . -8.81 11.02 -3.92
C6 U5P W . -9.32 10.73 -2.63
O2 U5P W . -12.35 8.90 -4.09
O4 U5P W . -9.14 10.71 -6.28
C1' U5P W . -10.84 9.87 -0.93
S SO4 X . -15.58 -0.79 7.04
O1 SO4 X . -14.98 -1.55 8.23
O2 SO4 X . -16.13 -1.87 6.11
O3 SO4 X . -16.70 0.02 7.45
O4 SO4 X . -14.41 -0.29 6.46
#